data_6M8T
#
_entry.id   6M8T
#
_cell.length_a   98.560
_cell.length_b   98.560
_cell.length_c   98.560
_cell.angle_alpha   90.00
_cell.angle_beta   90.00
_cell.angle_gamma   90.00
#
_symmetry.space_group_name_H-M   'I 2 3'
#
loop_
_entity.id
_entity.type
_entity.pdbx_description
1 polymer 'Flavin prenyltransferase UbiX'
2 non-polymer 'FLAVIN MONONUCLEOTIDE'
3 non-polymer 'PHOSPHATE ION'
4 water water
#
_entity_poly.entity_id   1
_entity_poly.type   'polypeptide(L)'
_entity_poly.pdbx_seq_one_letter_code
;ENLYFQGMRFVVALTGASGQILGIRLIEKLTELGAEVYAVASRAAKITLKAETDYDEGYVREIATKYYDEDEIAAPFASG
SFRHDGMAVVPCSIKTASSIAYGIADNLIARAADVTLKEKRRLVLAIREAPLHSGHLKTLARLAEMGAVIFPPVLSFYTR
PKSVDDLIEHTVSRIAEQLGVEVDYRRWG
;
_entity_poly.pdbx_strand_id   A
#
# COMPACT_ATOMS: atom_id res chain seq x y z
N GLU A 1 -10.93 -3.73 -16.30
CA GLU A 1 -11.21 -2.48 -16.99
C GLU A 1 -10.02 -2.05 -17.86
N ASN A 2 -9.17 -1.15 -17.35
CA ASN A 2 -8.04 -0.63 -18.10
C ASN A 2 -6.70 -1.02 -17.47
N LEU A 3 -6.61 -2.18 -16.83
CA LEU A 3 -5.34 -2.67 -16.30
C LEU A 3 -4.98 -4.09 -16.71
N TYR A 4 -5.88 -4.82 -17.35
CA TYR A 4 -5.52 -6.14 -17.85
C TYR A 4 -4.94 -6.08 -19.27
N PHE A 5 -5.31 -5.07 -20.05
CA PHE A 5 -4.82 -4.99 -21.43
C PHE A 5 -3.31 -4.88 -21.48
N GLN A 6 -2.71 -4.09 -20.60
CA GLN A 6 -1.27 -4.11 -20.42
C GLN A 6 -0.82 -5.10 -19.36
N GLY A 7 -1.76 -5.87 -18.79
CA GLY A 7 -1.45 -6.88 -17.82
C GLY A 7 -0.67 -6.34 -16.66
N MET A 8 -1.23 -5.38 -15.94
CA MET A 8 -0.50 -4.79 -14.83
C MET A 8 -0.42 -5.76 -13.65
N ARG A 9 0.64 -5.65 -12.87
CA ARG A 9 0.68 -6.33 -11.58
C ARG A 9 1.32 -5.43 -10.54
N PHE A 10 0.71 -5.37 -9.37
CA PHE A 10 1.13 -4.51 -8.28
C PHE A 10 1.38 -5.35 -7.04
N VAL A 11 2.29 -4.85 -6.19
CA VAL A 11 2.47 -5.36 -4.84
C VAL A 11 1.66 -4.44 -3.92
N VAL A 12 0.81 -5.01 -3.07
CA VAL A 12 0.11 -4.22 -2.06
C VAL A 12 0.41 -4.84 -0.69
N ALA A 13 0.98 -4.04 0.21
CA ALA A 13 1.29 -4.53 1.54
C ALA A 13 0.47 -3.77 2.58
N LEU A 14 -0.04 -4.49 3.57
CA LEU A 14 -0.77 -3.91 4.67
C LEU A 14 0.12 -4.00 5.89
N THR A 15 0.26 -2.88 6.63
CA THR A 15 1.06 -2.88 7.85
C THR A 15 0.19 -2.45 9.02
N GLY A 16 0.77 -2.49 10.24
CA GLY A 16 0.03 -2.32 11.48
C GLY A 16 -0.32 -0.89 11.84
N ALA A 17 -0.88 -0.15 10.90
CA ALA A 17 -1.46 1.15 11.16
C ALA A 17 -2.99 1.05 11.02
N SER A 18 -3.69 1.98 11.64
CA SER A 18 -5.15 1.99 11.49
C SER A 18 -5.48 2.28 10.04
N GLY A 19 -6.54 1.64 9.53
CA GLY A 19 -6.93 1.84 8.16
C GLY A 19 -6.73 0.60 7.30
N GLN A 20 -6.84 -0.59 7.93
CA GLN A 20 -6.77 -1.84 7.20
C GLN A 20 -7.74 -1.85 6.02
N ILE A 21 -8.92 -1.26 6.21
CA ILE A 21 -9.93 -1.24 5.16
C ILE A 21 -9.41 -0.52 3.92
N LEU A 22 -8.46 0.40 4.09
CA LEU A 22 -7.95 1.12 2.91
C LEU A 22 -7.16 0.18 2.02
N GLY A 23 -6.36 -0.70 2.61
CA GLY A 23 -5.60 -1.65 1.81
C GLY A 23 -6.49 -2.73 1.22
N ILE A 24 -7.46 -3.20 2.01
CA ILE A 24 -8.40 -4.18 1.49
C ILE A 24 -9.15 -3.62 0.30
N ARG A 25 -9.64 -2.38 0.43
CA ARG A 25 -10.39 -1.81 -0.69
C ARG A 25 -9.48 -1.52 -1.88
N LEU A 26 -8.22 -1.18 -1.64
CA LEU A 26 -7.33 -0.96 -2.77
C LEU A 26 -7.09 -2.26 -3.53
N ILE A 27 -6.92 -3.36 -2.82
CA ILE A 27 -6.75 -4.65 -3.49
C ILE A 27 -8.00 -4.97 -4.29
N GLU A 28 -9.17 -4.77 -3.68
CA GLU A 28 -10.41 -5.05 -4.39
C GLU A 28 -10.53 -4.20 -5.65
N LYS A 29 -10.11 -2.94 -5.57
CA LYS A 29 -10.24 -2.04 -6.71
C LYS A 29 -9.32 -2.46 -7.83
N LEU A 30 -8.06 -2.77 -7.50
CA LEU A 30 -7.07 -3.08 -8.52
C LEU A 30 -7.41 -4.37 -9.24
N THR A 31 -7.90 -5.38 -8.51
CA THR A 31 -8.26 -6.64 -9.16
C THR A 31 -9.52 -6.50 -9.99
N GLU A 32 -10.49 -5.71 -9.52
CA GLU A 32 -11.69 -5.46 -10.33
C GLU A 32 -11.31 -4.87 -11.68
N LEU A 33 -10.33 -3.97 -11.70
CA LEU A 33 -9.90 -3.33 -12.92
C LEU A 33 -8.98 -4.23 -13.75
N GLY A 34 -8.71 -5.44 -13.29
CA GLY A 34 -8.02 -6.44 -14.08
C GLY A 34 -6.53 -6.56 -13.84
N ALA A 35 -5.99 -5.89 -12.82
CA ALA A 35 -4.58 -6.05 -12.49
C ALA A 35 -4.39 -7.27 -11.59
N GLU A 36 -3.18 -7.83 -11.62
CA GLU A 36 -2.79 -8.80 -10.60
C GLU A 36 -2.29 -8.07 -9.38
N VAL A 37 -2.64 -8.59 -8.20
CA VAL A 37 -2.16 -8.02 -6.95
C VAL A 37 -1.45 -9.09 -6.16
N TYR A 38 -0.17 -8.87 -5.87
CA TYR A 38 0.60 -9.72 -4.96
C TYR A 38 0.52 -9.04 -3.59
N ALA A 39 -0.15 -9.67 -2.63
CA ALA A 39 -0.39 -9.04 -1.35
C ALA A 39 0.44 -9.64 -0.22
N VAL A 40 0.73 -8.80 0.77
CA VAL A 40 1.47 -9.16 1.97
C VAL A 40 0.84 -8.40 3.12
N ALA A 41 0.67 -9.07 4.27
CA ALA A 41 0.18 -8.37 5.46
C ALA A 41 1.11 -8.70 6.60
N SER A 42 1.54 -7.67 7.34
CA SER A 42 2.45 -7.93 8.43
C SER A 42 1.68 -8.52 9.61
N ARG A 43 2.44 -9.05 10.58
CA ARG A 43 1.80 -9.54 11.79
CA ARG A 43 1.82 -9.54 11.82
C ARG A 43 1.04 -8.43 12.51
N ALA A 44 1.62 -7.23 12.60
CA ALA A 44 0.87 -6.15 13.24
C ALA A 44 -0.37 -5.77 12.43
N ALA A 45 -0.33 -5.88 11.11
CA ALA A 45 -1.53 -5.60 10.32
C ALA A 45 -2.64 -6.61 10.62
N LYS A 46 -2.28 -7.88 10.82
CA LYS A 46 -3.28 -8.87 11.19
C LYS A 46 -3.89 -8.56 12.56
N ILE A 47 -3.09 -8.04 13.49
CA ILE A 47 -3.60 -7.68 14.81
C ILE A 47 -4.55 -6.50 14.71
N THR A 48 -4.22 -5.54 13.85
CA THR A 48 -5.05 -4.35 13.68
C THR A 48 -6.37 -4.70 13.01
N LEU A 49 -6.30 -5.56 12.00
CA LEU A 49 -7.50 -6.07 11.36
C LEU A 49 -8.47 -6.65 12.39
N LYS A 50 -7.97 -7.46 13.33
CA LYS A 50 -8.86 -8.00 14.34
C LYS A 50 -9.38 -6.92 15.28
N ALA A 51 -8.56 -5.88 15.54
CA ALA A 51 -8.93 -4.87 16.53
C ALA A 51 -10.02 -3.95 15.98
N GLU A 52 -9.94 -3.60 14.69
CA GLU A 52 -10.80 -2.54 14.18
C GLU A 52 -11.77 -2.99 13.09
N THR A 53 -11.75 -4.26 12.67
CA THR A 53 -12.70 -4.72 11.65
C THR A 53 -13.33 -6.05 12.06
N ASP A 54 -14.29 -6.48 11.25
CA ASP A 54 -14.88 -7.80 11.36
C ASP A 54 -14.45 -8.72 10.22
N TYR A 55 -13.39 -8.35 9.50
CA TYR A 55 -12.92 -9.16 8.39
C TYR A 55 -12.35 -10.48 8.90
N ASP A 56 -12.60 -11.55 8.15
CA ASP A 56 -11.92 -12.80 8.42
C ASP A 56 -10.42 -12.66 8.22
N GLU A 57 -9.66 -13.42 9.02
CA GLU A 57 -8.21 -13.42 8.91
C GLU A 57 -7.73 -13.87 7.53
N GLY A 58 -8.54 -14.62 6.77
CA GLY A 58 -8.11 -15.08 5.46
C GLY A 58 -8.57 -14.26 4.27
N TYR A 59 -9.27 -13.14 4.49
CA TYR A 59 -9.88 -12.40 3.39
C TYR A 59 -8.85 -11.84 2.43
N VAL A 60 -7.75 -11.24 2.96
CA VAL A 60 -6.75 -10.66 2.06
C VAL A 60 -6.14 -11.74 1.17
N ARG A 61 -5.84 -12.90 1.74
CA ARG A 61 -5.33 -14.00 0.93
C ARG A 61 -6.36 -14.43 -0.11
N GLU A 62 -7.65 -14.35 0.22
CA GLU A 62 -8.67 -14.76 -0.71
C GLU A 62 -8.80 -13.81 -1.90
N ILE A 63 -8.70 -12.50 -1.66
CA ILE A 63 -8.91 -11.55 -2.75
C ILE A 63 -7.65 -11.28 -3.55
N ALA A 64 -6.47 -11.58 -3.02
CA ALA A 64 -5.21 -11.34 -3.73
C ALA A 64 -4.99 -12.37 -4.84
N THR A 65 -4.19 -11.98 -5.85
CA THR A 65 -3.76 -12.94 -6.86
C THR A 65 -2.81 -13.97 -6.26
N LYS A 66 -1.84 -13.51 -5.50
CA LYS A 66 -0.95 -14.36 -4.73
C LYS A 66 -0.70 -13.68 -3.40
N TYR A 67 -0.61 -14.46 -2.33
CA TYR A 67 -0.49 -13.93 -0.99
C TYR A 67 0.79 -14.43 -0.33
N TYR A 68 1.47 -13.54 0.40
CA TYR A 68 2.70 -13.85 1.12
C TYR A 68 2.64 -13.31 2.54
N ASP A 69 3.20 -14.05 3.49
CA ASP A 69 3.37 -13.48 4.80
C ASP A 69 4.70 -12.73 4.87
N GLU A 70 4.88 -11.95 5.94
CA GLU A 70 5.98 -10.99 5.94
C GLU A 70 7.34 -11.67 6.10
N ASP A 71 7.37 -12.92 6.53
CA ASP A 71 8.66 -13.60 6.64
CA ASP A 71 8.60 -13.71 6.68
C ASP A 71 9.03 -14.39 5.38
N GLU A 72 8.28 -14.24 4.31
CA GLU A 72 8.61 -14.92 3.04
C GLU A 72 9.62 -14.07 2.28
N ILE A 73 10.84 -14.03 2.83
CA ILE A 73 11.82 -13.07 2.33
C ILE A 73 12.40 -13.50 1.00
N ALA A 74 12.03 -14.68 0.51
CA ALA A 74 12.47 -15.14 -0.81
C ALA A 74 11.35 -15.07 -1.85
N ALA A 75 10.28 -14.32 -1.58
CA ALA A 75 9.20 -14.15 -2.55
C ALA A 75 9.75 -13.53 -3.84
N PRO A 76 9.04 -13.68 -4.96
CA PRO A 76 9.62 -13.28 -6.25
C PRO A 76 10.00 -11.80 -6.31
N PHE A 77 9.19 -10.94 -5.71
CA PHE A 77 9.43 -9.50 -5.82
C PHE A 77 10.43 -8.99 -4.78
N ALA A 78 11.09 -9.89 -4.03
CA ALA A 78 12.25 -9.54 -3.22
C ALA A 78 13.52 -9.33 -4.04
N SER A 79 13.48 -9.61 -5.33
CA SER A 79 14.61 -9.36 -6.22
CA SER A 79 14.60 -9.37 -6.22
C SER A 79 14.22 -8.32 -7.26
N GLY A 80 15.17 -7.46 -7.62
CA GLY A 80 14.88 -6.45 -8.61
C GLY A 80 14.66 -7.01 -10.01
N SER A 81 15.07 -8.26 -10.24
CA SER A 81 14.92 -8.84 -11.56
C SER A 81 13.48 -9.28 -11.84
N PHE A 82 12.61 -9.29 -10.84
CA PHE A 82 11.19 -9.59 -11.03
C PHE A 82 10.45 -8.32 -11.44
N ARG A 83 9.76 -8.39 -12.54
CA ARG A 83 9.07 -7.25 -13.00
C ARG A 83 7.71 -7.01 -12.40
N HIS A 84 7.46 -5.79 -11.95
CA HIS A 84 6.11 -5.39 -11.56
C HIS A 84 5.96 -3.90 -11.80
N ASP A 85 4.72 -3.40 -11.65
CA ASP A 85 4.38 -2.05 -12.06
C ASP A 85 4.22 -1.06 -10.92
N GLY A 86 4.61 -1.41 -9.71
CA GLY A 86 4.41 -0.52 -8.58
C GLY A 86 4.01 -1.24 -7.31
N MET A 87 4.39 -0.66 -6.18
CA MET A 87 4.05 -1.19 -4.87
C MET A 87 3.36 -0.10 -4.05
N ALA A 88 2.30 -0.49 -3.32
CA ALA A 88 1.67 0.40 -2.36
C ALA A 88 1.69 -0.25 -0.97
N VAL A 89 2.08 0.51 0.05
CA VAL A 89 1.92 0.09 1.45
C VAL A 89 0.77 0.89 2.00
N VAL A 90 -0.36 0.22 2.26
CA VAL A 90 -1.63 0.88 2.60
C VAL A 90 -2.33 0.00 3.62
N PRO A 91 -2.53 0.46 4.87
CA PRO A 91 -1.94 1.68 5.43
C PRO A 91 -0.49 1.43 5.76
N CYS A 92 0.32 2.50 5.92
CA CYS A 92 1.74 2.35 6.20
C CYS A 92 2.01 2.91 7.59
N SER A 93 2.55 2.06 8.47
CA SER A 93 2.97 2.48 9.80
C SER A 93 4.26 3.32 9.75
N ILE A 94 4.51 4.06 10.85
CA ILE A 94 5.81 4.73 10.96
C ILE A 94 6.92 3.69 10.91
N LYS A 95 6.72 2.57 11.59
CA LYS A 95 7.76 1.53 11.64
C LYS A 95 8.15 1.07 10.24
N THR A 96 7.17 0.80 9.38
CA THR A 96 7.53 0.32 8.03
C THR A 96 8.04 1.45 7.15
N ALA A 97 7.45 2.65 7.23
CA ALA A 97 8.01 3.77 6.47
C ALA A 97 9.47 4.01 6.84
N SER A 98 9.75 3.99 8.14
CA SER A 98 11.12 4.25 8.61
C SER A 98 12.06 3.11 8.24
N SER A 99 11.58 1.89 8.32
CA SER A 99 12.42 0.77 7.93
C SER A 99 12.84 0.91 6.47
N ILE A 100 11.92 1.34 5.61
CA ILE A 100 12.25 1.54 4.20
C ILE A 100 13.23 2.69 4.06
N ALA A 101 12.94 3.80 4.74
CA ALA A 101 13.78 5.00 4.61
C ALA A 101 15.22 4.67 4.90
N TYR A 102 15.46 3.91 5.97
CA TYR A 102 16.81 3.75 6.46
C TYR A 102 17.39 2.40 6.09
N GLY A 103 16.66 1.58 5.34
CA GLY A 103 17.22 0.33 4.83
C GLY A 103 17.18 -0.85 5.79
N ILE A 104 16.35 -0.78 6.85
CA ILE A 104 16.20 -1.86 7.80
C ILE A 104 15.27 -2.86 7.16
N ALA A 105 15.77 -3.55 6.13
CA ALA A 105 14.90 -4.33 5.24
C ALA A 105 14.77 -5.75 5.77
N ASP A 106 14.18 -5.87 6.96
CA ASP A 106 14.26 -7.12 7.72
C ASP A 106 13.05 -8.02 7.55
N ASN A 107 12.10 -7.65 6.70
CA ASN A 107 10.98 -8.51 6.32
C ASN A 107 10.63 -8.26 4.85
N LEU A 108 9.67 -9.04 4.34
CA LEU A 108 9.37 -8.97 2.91
C LEU A 108 8.85 -7.60 2.52
N ILE A 109 8.05 -6.97 3.39
CA ILE A 109 7.47 -5.67 3.03
C ILE A 109 8.56 -4.64 2.81
N ALA A 110 9.48 -4.50 3.79
CA ALA A 110 10.52 -3.48 3.65
C ALA A 110 11.46 -3.81 2.52
N ARG A 111 11.82 -5.10 2.37
CA ARG A 111 12.70 -5.46 1.28
C ARG A 111 12.05 -5.22 -0.09
N ALA A 112 10.79 -5.63 -0.25
CA ALA A 112 10.10 -5.42 -1.54
C ALA A 112 10.02 -3.93 -1.86
N ALA A 113 9.82 -3.11 -0.84
CA ALA A 113 9.76 -1.67 -1.07
C ALA A 113 11.12 -1.13 -1.46
N ASP A 114 12.18 -1.63 -0.80
CA ASP A 114 13.53 -1.19 -1.16
C ASP A 114 13.88 -1.59 -2.58
N VAL A 115 13.47 -2.81 -2.98
CA VAL A 115 13.70 -3.29 -4.34
C VAL A 115 12.93 -2.44 -5.34
N THR A 116 11.69 -2.10 -4.99
CA THR A 116 10.90 -1.19 -5.83
C THR A 116 11.63 0.13 -6.04
N LEU A 117 12.18 0.70 -4.97
CA LEU A 117 12.84 1.99 -5.09
C LEU A 117 14.14 1.89 -5.88
N LYS A 118 14.96 0.85 -5.62
CA LYS A 118 16.27 0.82 -6.29
C LYS A 118 16.14 0.62 -7.79
N GLU A 119 15.04 0.01 -8.25
CA GLU A 119 14.75 -0.21 -9.65
C GLU A 119 13.94 0.94 -10.26
N LYS A 120 13.75 2.00 -9.48
CA LYS A 120 13.00 3.21 -9.89
C LYS A 120 11.60 2.84 -10.38
N ARG A 121 10.98 1.89 -9.68
CA ARG A 121 9.55 1.62 -9.85
C ARG A 121 8.74 2.45 -8.84
N ARG A 122 7.44 2.56 -9.07
CA ARG A 122 6.62 3.46 -8.26
C ARG A 122 6.35 2.83 -6.89
N LEU A 123 6.52 3.61 -5.82
CA LEU A 123 6.21 3.16 -4.46
C LEU A 123 5.36 4.23 -3.81
N VAL A 124 4.18 3.85 -3.31
CA VAL A 124 3.25 4.77 -2.67
C VAL A 124 3.05 4.33 -1.23
N LEU A 125 3.26 5.25 -0.29
CA LEU A 125 3.23 4.92 1.14
C LEU A 125 2.10 5.73 1.78
N ALA A 126 1.04 5.04 2.24
CA ALA A 126 -0.11 5.73 2.82
C ALA A 126 0.15 5.85 4.31
N ILE A 127 1.00 6.80 4.66
CA ILE A 127 1.58 6.83 6.00
C ILE A 127 0.59 7.46 6.97
N ARG A 128 0.13 6.67 7.95
CA ARG A 128 -0.89 7.14 8.88
C ARG A 128 -0.27 7.32 10.27
N GLU A 129 -0.10 8.57 10.69
CA GLU A 129 0.25 8.94 12.06
C GLU A 129 -0.06 10.41 12.18
N ALA A 130 -0.45 10.83 13.40
CA ALA A 130 -0.61 12.23 13.76
C ALA A 130 -0.56 12.36 15.27
N PRO A 131 0.12 13.39 15.80
CA PRO A 131 1.00 14.30 15.06
C PRO A 131 2.19 13.58 14.45
N LEU A 132 2.87 14.26 13.52
CA LEU A 132 4.18 13.86 13.02
C LEU A 132 5.21 14.77 13.68
N HIS A 133 6.22 14.21 14.33
CA HIS A 133 7.23 15.06 14.92
C HIS A 133 8.40 15.21 13.95
N SER A 134 9.45 15.94 14.39
CA SER A 134 10.55 16.27 13.49
C SER A 134 11.30 15.04 13.00
N GLY A 135 11.39 13.98 13.82
CA GLY A 135 12.03 12.77 13.33
C GLY A 135 11.21 12.10 12.23
N HIS A 136 9.90 12.04 12.41
CA HIS A 136 9.02 11.52 11.35
C HIS A 136 9.21 12.30 10.07
N LEU A 137 9.25 13.61 10.18
CA LEU A 137 9.32 14.45 9.00
C LEU A 137 10.64 14.32 8.29
N LYS A 138 11.73 14.14 9.05
CA LYS A 138 13.01 13.91 8.39
C LYS A 138 12.99 12.58 7.66
N THR A 139 12.36 11.56 8.25
CA THR A 139 12.22 10.27 7.59
C THR A 139 11.38 10.38 6.32
N LEU A 140 10.28 11.14 6.39
CA LEU A 140 9.48 11.21 5.18
C LEU A 140 10.22 11.99 4.10
N ALA A 141 11.01 12.98 4.49
CA ALA A 141 11.80 13.71 3.50
C ALA A 141 12.80 12.80 2.81
N ARG A 142 13.41 11.91 3.59
CA ARG A 142 14.35 10.97 3.01
C ARG A 142 13.65 10.04 2.02
N LEU A 143 12.48 9.54 2.40
CA LEU A 143 11.71 8.68 1.50
C LEU A 143 11.34 9.41 0.22
N ALA A 144 10.93 10.68 0.33
CA ALA A 144 10.60 11.47 -0.87
C ALA A 144 11.83 11.64 -1.75
N GLU A 145 12.98 11.92 -1.14
CA GLU A 145 14.23 12.01 -1.91
C GLU A 145 14.56 10.68 -2.60
N MET A 146 14.24 9.53 -1.96
CA MET A 146 14.44 8.23 -2.58
C MET A 146 13.42 7.92 -3.68
N GLY A 147 12.41 8.76 -3.85
CA GLY A 147 11.46 8.57 -4.94
C GLY A 147 10.07 8.12 -4.53
N ALA A 148 9.84 7.81 -3.25
CA ALA A 148 8.52 7.34 -2.81
C ALA A 148 7.47 8.45 -2.87
N VAL A 149 6.23 8.05 -3.10
CA VAL A 149 5.08 8.94 -2.98
C VAL A 149 4.58 8.88 -1.54
N ILE A 150 4.50 10.03 -0.90
CA ILE A 150 4.14 10.16 0.51
C ILE A 150 2.68 10.60 0.54
N PHE A 151 1.77 9.70 0.95
CA PHE A 151 0.33 9.97 0.85
C PHE A 151 -0.33 9.77 2.21
N PRO A 152 -0.30 10.79 3.06
CA PRO A 152 -1.06 10.70 4.31
C PRO A 152 -2.52 10.53 3.96
N PRO A 153 -3.21 9.54 4.55
CA PRO A 153 -4.61 9.34 4.13
C PRO A 153 -5.56 10.31 4.82
N VAL A 154 -5.54 11.57 4.34
CA VAL A 154 -6.23 12.68 5.00
C VAL A 154 -7.72 12.67 4.70
N LEU A 155 -8.50 13.17 5.65
CA LEU A 155 -9.90 13.46 5.39
C LEU A 155 -10.05 14.42 4.23
N SER A 156 -11.02 14.15 3.36
CA SER A 156 -11.26 14.97 2.19
C SER A 156 -12.75 15.16 2.07
N PHE A 157 -13.19 16.40 1.95
CA PHE A 157 -14.62 16.69 1.93
C PHE A 157 -15.10 17.32 0.63
N TYR A 158 -14.21 17.57 -0.33
CA TYR A 158 -14.67 18.33 -1.49
C TYR A 158 -15.52 17.52 -2.44
N THR A 159 -15.60 16.19 -2.27
CA THR A 159 -16.51 15.35 -3.04
C THR A 159 -17.82 15.10 -2.32
N ARG A 160 -18.06 15.80 -1.21
CA ARG A 160 -19.34 15.76 -0.49
C ARG A 160 -19.62 14.34 -0.04
N PRO A 161 -18.73 13.76 0.77
CA PRO A 161 -18.93 12.37 1.19
C PRO A 161 -20.06 12.27 2.20
N LYS A 162 -20.85 11.20 2.09
CA LYS A 162 -22.02 11.03 2.94
C LYS A 162 -21.90 9.86 3.89
N SER A 163 -20.90 9.01 3.69
CA SER A 163 -20.69 7.83 4.50
C SER A 163 -19.19 7.63 4.67
N VAL A 164 -18.83 6.78 5.63
CA VAL A 164 -17.43 6.37 5.76
C VAL A 164 -16.93 5.75 4.46
N ASP A 165 -17.76 4.91 3.83
CA ASP A 165 -17.34 4.28 2.58
C ASP A 165 -17.04 5.32 1.50
N ASP A 166 -17.76 6.45 1.50
CA ASP A 166 -17.44 7.52 0.55
C ASP A 166 -16.02 8.04 0.75
N LEU A 167 -15.62 8.22 2.01
CA LEU A 167 -14.28 8.70 2.27
C LEU A 167 -13.24 7.68 1.85
N ILE A 168 -13.51 6.40 2.15
CA ILE A 168 -12.58 5.34 1.78
C ILE A 168 -12.42 5.29 0.26
N GLU A 169 -13.53 5.42 -0.48
CA GLU A 169 -13.48 5.33 -1.94
C GLU A 169 -12.63 6.46 -2.52
N HIS A 170 -12.80 7.69 -2.02
CA HIS A 170 -11.99 8.82 -2.47
C HIS A 170 -10.52 8.56 -2.21
N THR A 171 -10.18 8.21 -0.97
CA THR A 171 -8.77 8.04 -0.63
C THR A 171 -8.17 6.88 -1.40
N VAL A 172 -8.93 5.79 -1.57
CA VAL A 172 -8.38 4.63 -2.27
C VAL A 172 -8.19 4.96 -3.75
N SER A 173 -9.14 5.70 -4.33
CA SER A 173 -9.01 6.12 -5.72
C SER A 173 -7.78 7.02 -5.90
N ARG A 174 -7.59 7.96 -4.98
CA ARG A 174 -6.44 8.87 -5.08
C ARG A 174 -5.13 8.10 -4.96
N ILE A 175 -5.06 7.10 -4.07
CA ILE A 175 -3.84 6.30 -3.92
C ILE A 175 -3.61 5.51 -5.19
N ALA A 176 -4.68 4.97 -5.77
CA ALA A 176 -4.55 4.23 -7.02
C ALA A 176 -3.98 5.10 -8.13
N GLU A 177 -4.36 6.39 -8.17
CA GLU A 177 -3.81 7.28 -9.20
C GLU A 177 -2.31 7.46 -9.06
N GLN A 178 -1.77 7.37 -7.84
CA GLN A 178 -0.33 7.45 -7.62
C GLN A 178 0.40 6.23 -8.14
N LEU A 179 -0.30 5.14 -8.40
CA LEU A 179 0.29 3.97 -9.04
C LEU A 179 0.24 4.05 -10.55
N GLY A 180 -0.25 5.16 -11.10
CA GLY A 180 -0.43 5.27 -12.53
C GLY A 180 -1.75 4.75 -13.01
N VAL A 181 -2.64 4.37 -12.10
CA VAL A 181 -3.94 3.84 -12.47
C VAL A 181 -4.89 4.99 -12.75
N GLU A 182 -5.56 4.92 -13.89
CA GLU A 182 -6.55 5.91 -14.31
C GLU A 182 -7.95 5.46 -13.85
N VAL A 183 -8.11 5.46 -12.52
CA VAL A 183 -9.38 5.06 -11.93
C VAL A 183 -10.46 6.08 -12.28
N ASP A 184 -11.71 5.60 -12.39
CA ASP A 184 -12.86 6.48 -12.55
C ASP A 184 -13.46 6.75 -11.18
N TYR A 185 -13.58 8.03 -10.83
CA TYR A 185 -14.17 8.44 -9.56
C TYR A 185 -14.54 9.91 -9.65
N ARG A 186 -15.19 10.41 -8.59
CA ARG A 186 -15.66 11.79 -8.53
C ARG A 186 -14.49 12.73 -8.22
N ARG A 187 -14.11 13.55 -9.18
CA ARG A 187 -12.98 14.46 -9.07
C ARG A 187 -13.47 15.89 -8.93
N TRP A 188 -12.58 16.76 -8.42
CA TRP A 188 -12.83 18.19 -8.50
C TRP A 188 -12.73 18.70 -9.93
N GLY A 189 -12.03 17.97 -10.80
CA GLY A 189 -11.96 18.29 -12.21
C GLY A 189 -11.59 17.06 -13.03
#